data_7DLD
#
_entry.id   7DLD
#
_cell.length_a   69.262
_cell.length_b   114.380
_cell.length_c   126.371
_cell.angle_alpha   90.00
_cell.angle_beta   90.00
_cell.angle_gamma   90.00
#
_symmetry.space_group_name_H-M   'C 2 2 21'
#
loop_
_entity.id
_entity.type
_entity.pdbx_description
1 polymer 'Carbonyl Reductase'
2 non-polymer 'MAGNESIUM ION'
3 water water
#
_entity_poly.entity_id   1
_entity_poly.type   'polypeptide(L)'
_entity_poly.pdbx_seq_one_letter_code
;MGEIESYCNKELGPLPTKAPTLSKNVLDLFSLKGKVASVTGSSGGIGWAVAEAYAQAGADVAIWYNSHPADEKAEHLQKT
YGVHSKAYKCNISDPKSVEETISQQEKDFGTIDVFVANAGVTWTQGPEIDVDNYDSWNKIISVDLNGVYYCSHNIGKIFK
KNGKGSLIITSSISGKIVNIPQLQAPYNTAKAACTHLAKSLAIEWAPFARVNTISPGYIDTDITDFASKDMKAKWWQLTP
LGREGLTQELVGGYLYLASNASTFTTGSDVVIDGGYTCP
;
_entity_poly.pdbx_strand_id   A,B
#
# COMPACT_ATOMS: atom_id res chain seq x y z
N MET A 1 -19.47 16.18 28.70
CA MET A 1 -18.49 16.07 29.77
C MET A 1 -18.13 14.59 30.01
N GLY A 2 -16.86 14.32 30.30
CA GLY A 2 -16.47 12.94 30.57
C GLY A 2 -16.24 12.14 29.32
N GLU A 3 -15.85 12.79 28.23
CA GLU A 3 -15.79 12.13 26.94
C GLU A 3 -14.80 12.88 26.09
N ILE A 4 -13.91 12.17 25.40
CA ILE A 4 -13.09 12.77 24.37
C ILE A 4 -13.87 12.60 23.08
N GLU A 5 -14.35 13.70 22.51
CA GLU A 5 -15.21 13.65 21.35
C GLU A 5 -14.36 13.89 20.11
N SER A 6 -14.57 13.06 19.09
CA SER A 6 -13.78 13.18 17.87
C SER A 6 -14.02 14.52 17.20
N TYR A 7 -12.96 15.08 16.64
CA TYR A 7 -13.12 16.21 15.72
C TYR A 7 -13.51 15.74 14.34
N CYS A 8 -13.25 14.47 14.02
CA CYS A 8 -13.56 13.93 12.71
C CYS A 8 -15.00 13.48 12.59
N ASN A 9 -15.47 12.65 13.55
CA ASN A 9 -16.76 11.98 13.39
C ASN A 9 -17.29 11.56 14.78
N LYS A 10 -18.29 12.30 15.28
CA LYS A 10 -18.87 12.03 16.59
C LYS A 10 -19.45 10.62 16.70
N GLU A 11 -19.85 10.01 15.58
CA GLU A 11 -20.39 8.65 15.64
C GLU A 11 -19.33 7.63 16.02
N LEU A 12 -18.06 8.03 16.13
CA LEU A 12 -17.04 7.17 16.71
C LEU A 12 -17.31 6.87 18.18
N GLY A 13 -18.03 7.75 18.86
CA GLY A 13 -18.23 7.65 20.29
C GLY A 13 -17.01 8.10 21.06
N PRO A 14 -17.04 7.92 22.38
CA PRO A 14 -15.91 8.36 23.22
C PRO A 14 -14.61 7.70 22.79
N LEU A 15 -13.57 8.52 22.69
CA LEU A 15 -12.26 8.07 22.23
C LEU A 15 -11.39 7.66 23.41
N PRO A 16 -10.41 6.77 23.19
CA PRO A 16 -10.09 6.18 21.88
C PRO A 16 -11.00 5.01 21.57
N THR A 17 -11.19 4.74 20.29
CA THR A 17 -11.81 3.51 19.86
C THR A 17 -10.88 2.35 20.15
N LYS A 18 -11.43 1.14 20.11
CA LYS A 18 -10.68 -0.06 20.47
C LYS A 18 -10.11 -0.70 19.23
N ALA A 19 -8.83 -1.07 19.30
CA ALA A 19 -8.20 -1.80 18.23
C ALA A 19 -8.83 -3.19 18.09
N PRO A 20 -8.94 -3.70 16.86
CA PRO A 20 -9.43 -5.08 16.71
C PRO A 20 -8.42 -6.06 17.29
N THR A 21 -8.91 -7.24 17.65
CA THR A 21 -8.02 -8.33 18.03
C THR A 21 -7.65 -9.11 16.78
N LEU A 22 -6.36 -9.22 16.53
CA LEU A 22 -5.83 -9.80 15.31
C LEU A 22 -5.04 -11.05 15.64
N SER A 23 -4.86 -11.89 14.63
CA SER A 23 -3.90 -12.97 14.75
C SER A 23 -2.50 -12.39 14.95
N LYS A 24 -1.70 -13.06 15.77
CA LYS A 24 -0.30 -12.68 15.93
C LYS A 24 0.56 -13.13 14.76
N ASN A 25 -0.01 -13.88 13.82
CA ASN A 25 0.69 -14.35 12.65
C ASN A 25 0.33 -13.48 11.44
N VAL A 26 1.36 -12.93 10.79
CA VAL A 26 1.11 -12.00 9.69
C VAL A 26 0.39 -12.70 8.54
N LEU A 27 0.73 -13.97 8.28
CA LEU A 27 0.11 -14.64 7.15
C LEU A 27 -1.39 -14.81 7.35
N ASP A 28 -1.83 -15.06 8.60
CA ASP A 28 -3.26 -15.18 8.84
C ASP A 28 -4.01 -13.89 8.55
N LEU A 29 -3.33 -12.74 8.67
CA LEU A 29 -3.99 -11.46 8.45
C LEU A 29 -4.58 -11.35 7.06
N PHE A 30 -4.02 -12.06 6.10
CA PHE A 30 -4.44 -11.94 4.72
C PHE A 30 -5.55 -12.90 4.32
N SER A 31 -5.95 -13.82 5.20
CA SER A 31 -6.97 -14.78 4.80
C SER A 31 -8.33 -14.09 4.75
N LEU A 32 -9.11 -14.44 3.73
CA LEU A 32 -10.47 -13.95 3.62
C LEU A 32 -11.51 -15.02 3.95
N LYS A 33 -11.09 -16.12 4.56
CA LYS A 33 -12.03 -17.17 4.93
C LYS A 33 -13.11 -16.62 5.87
N GLY A 34 -14.36 -17.03 5.61
CA GLY A 34 -15.49 -16.55 6.38
C GLY A 34 -16.01 -15.19 5.97
N LYS A 35 -15.51 -14.62 4.87
CA LYS A 35 -15.90 -13.29 4.44
C LYS A 35 -16.49 -13.34 3.02
N VAL A 36 -17.37 -12.38 2.74
CA VAL A 36 -18.03 -12.25 1.44
C VAL A 36 -17.46 -11.02 0.74
N ALA A 37 -16.99 -11.19 -0.49
CA ALA A 37 -16.51 -10.06 -1.28
C ALA A 37 -17.42 -9.86 -2.49
N SER A 38 -17.68 -8.60 -2.81
CA SER A 38 -18.38 -8.22 -4.04
C SER A 38 -17.44 -7.38 -4.88
N VAL A 39 -17.12 -7.84 -6.10
CA VAL A 39 -16.14 -7.21 -6.97
C VAL A 39 -16.83 -6.78 -8.26
N THR A 40 -16.96 -5.47 -8.48
CA THR A 40 -17.61 -5.03 -9.71
C THR A 40 -16.65 -5.10 -10.89
N GLY A 41 -17.23 -5.05 -12.09
CA GLY A 41 -16.46 -5.16 -13.33
C GLY A 41 -15.63 -6.42 -13.42
N SER A 42 -16.15 -7.55 -12.95
CA SER A 42 -15.36 -8.75 -12.79
C SER A 42 -15.63 -9.78 -13.86
N SER A 43 -16.16 -9.35 -15.01
CA SER A 43 -16.26 -10.24 -16.17
C SER A 43 -14.95 -10.39 -16.92
N GLY A 44 -13.91 -9.67 -16.51
CA GLY A 44 -12.62 -9.72 -17.14
C GLY A 44 -11.70 -8.69 -16.54
N GLY A 45 -10.48 -8.63 -17.08
CA GLY A 45 -9.53 -7.59 -16.68
C GLY A 45 -9.16 -7.64 -15.21
N ILE A 46 -9.03 -6.46 -14.61
CA ILE A 46 -8.60 -6.35 -13.21
C ILE A 46 -9.62 -6.98 -12.28
N GLY A 47 -10.91 -6.73 -12.52
CA GLY A 47 -11.94 -7.22 -11.62
C GLY A 47 -11.98 -8.73 -11.54
N TRP A 48 -11.73 -9.41 -12.66
CA TRP A 48 -11.67 -10.87 -12.63
C TRP A 48 -10.49 -11.35 -11.81
N ALA A 49 -9.31 -10.76 -12.05
CA ALA A 49 -8.12 -11.17 -11.31
C ALA A 49 -8.30 -10.98 -9.80
N VAL A 50 -8.97 -9.90 -9.40
CA VAL A 50 -9.21 -9.64 -7.98
C VAL A 50 -10.21 -10.66 -7.43
N ALA A 51 -11.29 -10.89 -8.17
CA ALA A 51 -12.28 -11.90 -7.75
C ALA A 51 -11.65 -13.26 -7.54
N GLU A 52 -10.75 -13.67 -8.45
CA GLU A 52 -10.12 -14.98 -8.33
C GLU A 52 -9.13 -15.01 -7.17
N ALA A 53 -8.38 -13.92 -6.95
CA ALA A 53 -7.45 -13.87 -5.82
C ALA A 53 -8.19 -13.91 -4.48
N TYR A 54 -9.35 -13.27 -4.40
CA TYR A 54 -10.12 -13.30 -3.17
C TYR A 54 -10.64 -14.70 -2.88
N ALA A 55 -11.03 -15.43 -3.93
CA ALA A 55 -11.42 -16.83 -3.76
C ALA A 55 -10.25 -17.66 -3.26
N GLN A 56 -9.06 -17.47 -3.85
CA GLN A 56 -7.85 -18.11 -3.35
C GLN A 56 -7.62 -17.80 -1.87
N ALA A 57 -7.93 -16.57 -1.44
CA ALA A 57 -7.79 -16.21 -0.04
C ALA A 57 -8.92 -16.75 0.83
N GLY A 58 -9.91 -17.40 0.24
CA GLY A 58 -10.95 -18.07 0.99
C GLY A 58 -12.30 -17.39 1.01
N ALA A 59 -12.48 -16.30 0.28
CA ALA A 59 -13.71 -15.51 0.36
C ALA A 59 -14.75 -16.01 -0.63
N ASP A 60 -16.02 -15.97 -0.19
CA ASP A 60 -17.12 -16.06 -1.14
C ASP A 60 -17.18 -14.78 -1.96
N VAL A 61 -17.46 -14.92 -3.26
CA VAL A 61 -17.28 -13.81 -4.19
C VAL A 61 -18.53 -13.61 -5.01
N ALA A 62 -19.05 -12.39 -5.02
CA ALA A 62 -20.08 -11.97 -5.96
C ALA A 62 -19.39 -11.21 -7.10
N ILE A 63 -19.45 -11.75 -8.30
CA ILE A 63 -18.90 -11.03 -9.43
C ILE A 63 -20.02 -10.29 -10.14
N TRP A 64 -19.67 -9.18 -10.77
CA TRP A 64 -20.60 -8.34 -11.50
C TRP A 64 -20.26 -8.40 -12.98
N TYR A 65 -21.27 -8.23 -13.82
CA TYR A 65 -21.08 -8.15 -15.26
C TYR A 65 -22.23 -7.33 -15.84
N ASN A 66 -22.17 -7.09 -17.15
CA ASN A 66 -23.22 -6.36 -17.83
C ASN A 66 -23.25 -6.70 -19.31
N SER A 67 -22.10 -6.56 -19.98
CA SER A 67 -22.06 -6.78 -21.42
C SER A 67 -21.84 -8.25 -21.77
N HIS A 68 -21.12 -9.00 -20.94
CA HIS A 68 -20.79 -10.38 -21.24
C HIS A 68 -21.18 -11.28 -20.09
N PRO A 69 -21.75 -12.45 -20.39
CA PRO A 69 -22.17 -13.37 -19.32
C PRO A 69 -20.98 -13.86 -18.52
N ALA A 70 -21.10 -13.74 -17.19
CA ALA A 70 -20.06 -14.18 -16.27
C ALA A 70 -20.54 -15.31 -15.37
N ASP A 71 -21.73 -15.86 -15.64
CA ASP A 71 -22.24 -16.93 -14.80
C ASP A 71 -21.27 -18.10 -14.73
N GLU A 72 -20.63 -18.42 -15.86
CA GLU A 72 -19.64 -19.48 -15.89
C GLU A 72 -18.34 -19.09 -15.20
N LYS A 73 -18.04 -17.80 -15.12
CA LYS A 73 -16.90 -17.36 -14.32
C LYS A 73 -17.19 -17.58 -12.84
N ALA A 74 -18.36 -17.13 -12.38
CA ALA A 74 -18.77 -17.39 -11.00
C ALA A 74 -18.87 -18.89 -10.73
N GLU A 75 -19.33 -19.66 -11.71
CA GLU A 75 -19.36 -21.10 -11.54
C GLU A 75 -17.95 -21.67 -11.45
N HIS A 76 -17.01 -21.09 -12.20
CA HIS A 76 -15.64 -21.58 -12.18
C HIS A 76 -14.99 -21.39 -10.81
N LEU A 77 -15.30 -20.27 -10.14
CA LEU A 77 -14.74 -20.06 -8.80
C LEU A 77 -15.24 -21.12 -7.83
N GLN A 78 -16.55 -21.40 -7.87
CA GLN A 78 -17.11 -22.43 -7.02
C GLN A 78 -16.42 -23.77 -7.24
N LYS A 79 -16.31 -24.20 -8.50
CA LYS A 79 -15.72 -25.51 -8.81
C LYS A 79 -14.26 -25.59 -8.43
N THR A 80 -13.53 -24.48 -8.50
CA THR A 80 -12.08 -24.52 -8.40
C THR A 80 -11.56 -24.35 -6.98
N TYR A 81 -12.19 -23.50 -6.18
CA TYR A 81 -11.70 -23.19 -4.85
C TYR A 81 -12.64 -23.61 -3.73
N GLY A 82 -13.81 -24.14 -4.05
CA GLY A 82 -14.75 -24.56 -3.03
C GLY A 82 -15.28 -23.38 -2.24
N VAL A 83 -15.87 -22.42 -2.95
CA VAL A 83 -16.35 -21.19 -2.34
C VAL A 83 -17.66 -20.81 -3.03
N HIS A 84 -18.54 -20.14 -2.30
CA HIS A 84 -19.80 -19.71 -2.90
C HIS A 84 -19.54 -18.53 -3.82
N SER A 85 -19.95 -18.64 -5.08
CA SER A 85 -19.85 -17.52 -6.00
C SER A 85 -21.08 -17.47 -6.90
N LYS A 86 -21.60 -16.26 -7.10
CA LYS A 86 -22.71 -16.02 -8.00
C LYS A 86 -22.41 -14.78 -8.81
N ALA A 87 -22.92 -14.73 -10.04
CA ALA A 87 -22.72 -13.58 -10.90
C ALA A 87 -24.00 -12.77 -10.98
N TYR A 88 -23.86 -11.45 -11.13
CA TYR A 88 -24.98 -10.52 -11.14
C TYR A 88 -24.83 -9.57 -12.32
N LYS A 89 -25.92 -9.39 -13.07
CA LYS A 89 -25.94 -8.46 -14.20
C LYS A 89 -26.50 -7.12 -13.72
N CYS A 90 -25.77 -6.03 -14.01
CA CYS A 90 -26.17 -4.71 -13.54
C CYS A 90 -25.45 -3.64 -14.35
N ASN A 91 -26.20 -2.61 -14.72
CA ASN A 91 -25.64 -1.41 -15.32
C ASN A 91 -25.30 -0.45 -14.18
N ILE A 92 -24.00 -0.28 -13.92
CA ILE A 92 -23.53 0.53 -12.80
C ILE A 92 -23.99 1.98 -12.93
N SER A 93 -24.29 2.41 -14.15
CA SER A 93 -24.82 3.74 -14.41
C SER A 93 -26.24 3.95 -13.90
N ASP A 94 -26.95 2.88 -13.52
CA ASP A 94 -28.33 2.99 -13.10
C ASP A 94 -28.44 2.80 -11.59
N PRO A 95 -28.76 3.84 -10.81
CA PRO A 95 -28.71 3.72 -9.35
C PRO A 95 -29.72 2.73 -8.77
N LYS A 96 -30.90 2.59 -9.38
CA LYS A 96 -31.85 1.59 -8.90
C LYS A 96 -31.32 0.17 -9.12
N SER A 97 -30.72 -0.07 -10.30
CA SER A 97 -30.11 -1.39 -10.55
C SER A 97 -29.05 -1.71 -9.52
N VAL A 98 -28.19 -0.74 -9.20
CA VAL A 98 -27.15 -0.95 -8.20
C VAL A 98 -27.79 -1.30 -6.85
N GLU A 99 -28.78 -0.53 -6.44
CA GLU A 99 -29.45 -0.79 -5.17
C GLU A 99 -30.03 -2.20 -5.14
N GLU A 100 -30.71 -2.61 -6.21
CA GLU A 100 -31.32 -3.94 -6.22
C GLU A 100 -30.26 -5.03 -6.25
N THR A 101 -29.20 -4.82 -7.03
CA THR A 101 -28.14 -5.82 -7.10
C THR A 101 -27.49 -6.03 -5.74
N ILE A 102 -27.15 -4.93 -5.06
CA ILE A 102 -26.53 -5.01 -3.73
C ILE A 102 -27.50 -5.64 -2.74
N SER A 103 -28.75 -5.21 -2.76
CA SER A 103 -29.74 -5.80 -1.85
C SER A 103 -29.88 -7.29 -2.10
N GLN A 104 -29.80 -7.71 -3.37
CA GLN A 104 -29.91 -9.13 -3.68
C GLN A 104 -28.69 -9.89 -3.22
N GLN A 105 -27.50 -9.31 -3.42
CA GLN A 105 -26.27 -9.97 -2.98
C GLN A 105 -26.27 -10.17 -1.47
N GLU A 106 -26.82 -9.21 -0.72
CA GLU A 106 -26.87 -9.38 0.73
C GLU A 106 -27.71 -10.58 1.11
N LYS A 107 -28.81 -10.83 0.41
CA LYS A 107 -29.66 -11.98 0.70
C LYS A 107 -28.94 -13.29 0.45
N ASP A 108 -28.30 -13.43 -0.73
CA ASP A 108 -27.74 -14.70 -1.16
C ASP A 108 -26.53 -15.12 -0.33
N PHE A 109 -25.68 -14.17 0.04
CA PHE A 109 -24.50 -14.48 0.82
C PHE A 109 -24.67 -14.18 2.31
N GLY A 110 -25.70 -13.43 2.68
CA GLY A 110 -25.99 -13.14 4.08
C GLY A 110 -25.49 -11.77 4.49
N THR A 111 -24.30 -11.44 4.01
CA THR A 111 -23.66 -10.17 4.31
C THR A 111 -22.67 -9.87 3.19
N ILE A 112 -22.06 -8.69 3.26
CA ILE A 112 -20.93 -8.34 2.40
C ILE A 112 -19.87 -7.71 3.28
N ASP A 113 -18.67 -8.27 3.27
CA ASP A 113 -17.56 -7.77 4.09
C ASP A 113 -16.59 -6.89 3.30
N VAL A 114 -16.39 -7.18 2.02
CA VAL A 114 -15.42 -6.51 1.17
C VAL A 114 -16.14 -6.11 -0.11
N PHE A 115 -15.96 -4.86 -0.53
CA PHE A 115 -16.53 -4.39 -1.78
C PHE A 115 -15.44 -3.72 -2.60
N VAL A 116 -15.37 -4.04 -3.89
CA VAL A 116 -14.42 -3.42 -4.81
C VAL A 116 -15.19 -2.69 -5.89
N ALA A 117 -15.16 -1.37 -5.85
CA ALA A 117 -15.85 -0.54 -6.83
C ALA A 117 -14.91 -0.35 -8.00
N ASN A 118 -15.14 -1.12 -9.08
CA ASN A 118 -14.23 -1.23 -10.21
C ASN A 118 -14.99 -0.77 -11.43
N ALA A 119 -14.91 0.53 -11.72
CA ALA A 119 -15.65 1.14 -12.82
C ALA A 119 -14.74 1.17 -14.05
N GLY A 120 -15.18 0.53 -15.12
CA GLY A 120 -14.40 0.50 -16.33
C GLY A 120 -15.03 1.31 -17.44
N VAL A 121 -14.37 2.41 -17.79
CA VAL A 121 -14.71 3.16 -19.00
C VAL A 121 -13.49 3.99 -19.33
N THR A 122 -13.31 4.31 -20.62
CA THR A 122 -12.15 5.09 -21.02
C THR A 122 -12.59 6.21 -21.95
N TRP A 123 -11.74 7.23 -22.04
CA TRP A 123 -11.90 8.30 -23.00
C TRP A 123 -10.86 8.11 -24.09
N THR A 124 -11.32 7.92 -25.32
CA THR A 124 -10.44 7.69 -26.45
C THR A 124 -10.59 8.75 -27.54
N GLN A 125 -11.28 9.85 -27.25
CA GLN A 125 -11.64 10.83 -28.25
C GLN A 125 -10.64 11.97 -28.38
N GLY A 126 -9.46 11.84 -27.78
CA GLY A 126 -8.46 12.88 -27.87
C GLY A 126 -8.79 14.11 -27.07
N PRO A 127 -8.20 15.25 -27.44
CA PRO A 127 -8.41 16.48 -26.68
C PRO A 127 -9.88 16.91 -26.68
N GLU A 128 -10.34 17.37 -25.52
CA GLU A 128 -11.76 17.63 -25.31
C GLU A 128 -12.23 18.84 -26.10
N ILE A 129 -11.34 19.76 -26.45
CA ILE A 129 -11.73 20.97 -27.16
C ILE A 129 -12.46 20.64 -28.46
N ASP A 130 -12.21 19.47 -29.05
CA ASP A 130 -12.84 19.10 -30.30
C ASP A 130 -13.99 18.11 -30.13
N VAL A 131 -14.44 17.90 -28.89
CA VAL A 131 -15.59 17.04 -28.65
C VAL A 131 -16.76 17.91 -28.20
N ASP A 132 -17.45 18.54 -29.15
CA ASP A 132 -18.51 19.48 -28.80
C ASP A 132 -19.75 18.80 -28.25
N ASN A 133 -19.89 17.49 -28.44
CA ASN A 133 -21.02 16.75 -27.89
C ASN A 133 -20.66 16.30 -26.46
N TYR A 134 -21.40 16.83 -25.48
CA TYR A 134 -21.19 16.51 -24.07
C TYR A 134 -21.60 15.08 -23.71
N ASP A 135 -22.07 14.27 -24.67
CA ASP A 135 -22.43 12.89 -24.35
C ASP A 135 -21.23 12.05 -23.95
N SER A 136 -20.05 12.37 -24.47
CA SER A 136 -18.86 11.64 -24.08
C SER A 136 -18.46 12.00 -22.66
N TRP A 137 -18.39 13.30 -22.35
CA TRP A 137 -18.14 13.75 -20.98
C TRP A 137 -19.13 13.10 -20.02
N ASN A 138 -20.42 13.27 -20.31
CA ASN A 138 -21.45 12.81 -19.38
C ASN A 138 -21.40 11.31 -19.18
N LYS A 139 -20.98 10.56 -20.19
CA LYS A 139 -20.90 9.10 -20.03
C LYS A 139 -19.74 8.70 -19.13
N ILE A 140 -18.62 9.41 -19.19
CA ILE A 140 -17.49 9.14 -18.30
C ILE A 140 -17.89 9.36 -16.85
N ILE A 141 -18.49 10.52 -16.58
CA ILE A 141 -18.90 10.90 -15.22
C ILE A 141 -19.93 9.91 -14.68
N SER A 142 -20.93 9.56 -15.50
CA SER A 142 -21.99 8.67 -15.04
C SER A 142 -21.44 7.33 -14.60
N VAL A 143 -20.56 6.73 -15.41
CA VAL A 143 -20.05 5.42 -15.09
C VAL A 143 -18.92 5.51 -14.08
N ASP A 144 -17.92 6.35 -14.35
CA ASP A 144 -16.70 6.31 -13.56
C ASP A 144 -16.78 7.08 -12.26
N LEU A 145 -17.72 8.02 -12.13
CA LEU A 145 -17.92 8.72 -10.86
C LEU A 145 -19.27 8.41 -10.23
N ASN A 146 -20.38 8.77 -10.89
CA ASN A 146 -21.69 8.50 -10.29
C ASN A 146 -21.85 7.02 -10.00
N GLY A 147 -21.46 6.17 -10.93
CA GLY A 147 -21.60 4.74 -10.73
C GLY A 147 -20.80 4.23 -9.55
N VAL A 148 -19.61 4.81 -9.32
CA VAL A 148 -18.86 4.44 -8.14
C VAL A 148 -19.56 4.94 -6.89
N TYR A 149 -20.13 6.14 -6.95
CA TYR A 149 -20.85 6.64 -5.78
C TYR A 149 -22.10 5.83 -5.49
N TYR A 150 -22.83 5.39 -6.52
CA TYR A 150 -24.02 4.56 -6.27
C TYR A 150 -23.65 3.31 -5.48
N CYS A 151 -22.60 2.61 -5.93
CA CYS A 151 -22.14 1.41 -5.23
C CYS A 151 -21.73 1.72 -3.80
N SER A 152 -20.95 2.78 -3.61
CA SER A 152 -20.49 3.14 -2.27
C SER A 152 -21.67 3.46 -1.36
N HIS A 153 -22.54 4.37 -1.79
CA HIS A 153 -23.69 4.77 -0.98
C HIS A 153 -24.48 3.56 -0.51
N ASN A 154 -24.66 2.56 -1.39
CA ASN A 154 -25.44 1.41 -1.00
C ASN A 154 -24.67 0.46 -0.09
N ILE A 155 -23.38 0.27 -0.35
CA ILE A 155 -22.64 -0.71 0.45
C ILE A 155 -22.33 -0.16 1.84
N GLY A 156 -22.28 1.17 1.97
CA GLY A 156 -22.05 1.76 3.28
C GLY A 156 -23.18 1.44 4.24
N LYS A 157 -24.40 1.37 3.74
CA LYS A 157 -25.52 1.03 4.62
C LYS A 157 -25.37 -0.39 5.19
N ILE A 158 -24.92 -1.32 4.37
CA ILE A 158 -24.67 -2.68 4.82
C ILE A 158 -23.50 -2.74 5.81
N PHE A 159 -22.41 -2.03 5.50
CA PHE A 159 -21.30 -1.96 6.44
C PHE A 159 -21.74 -1.40 7.78
N LYS A 160 -22.53 -0.33 7.77
CA LYS A 160 -22.95 0.29 9.01
C LYS A 160 -23.92 -0.62 9.76
N LYS A 161 -24.84 -1.25 9.03
CA LYS A 161 -25.73 -2.24 9.65
C LYS A 161 -24.93 -3.29 10.41
N ASN A 162 -23.80 -3.72 9.87
CA ASN A 162 -22.99 -4.78 10.45
C ASN A 162 -21.84 -4.27 11.30
N GLY A 163 -21.56 -2.96 11.27
CA GLY A 163 -20.41 -2.43 11.99
C GLY A 163 -19.06 -2.90 11.48
N LYS A 164 -18.97 -3.28 10.21
CA LYS A 164 -17.67 -3.68 9.66
C LYS A 164 -17.72 -3.65 8.13
N GLY A 165 -16.54 -3.51 7.53
CA GLY A 165 -16.43 -3.56 6.09
C GLY A 165 -15.16 -2.93 5.59
N SER A 166 -14.84 -3.23 4.33
CA SER A 166 -13.67 -2.68 3.66
C SER A 166 -14.10 -2.40 2.23
N LEU A 167 -14.14 -1.11 1.87
CA LEU A 167 -14.42 -0.67 0.51
C LEU A 167 -13.11 -0.31 -0.18
N ILE A 168 -12.88 -0.86 -1.36
CA ILE A 168 -11.76 -0.48 -2.22
C ILE A 168 -12.32 0.11 -3.49
N ILE A 169 -11.92 1.35 -3.80
CA ILE A 169 -12.28 1.99 -5.05
C ILE A 169 -11.09 1.91 -6.00
N THR A 170 -11.30 1.36 -7.19
CA THR A 170 -10.22 1.31 -8.17
C THR A 170 -10.13 2.67 -8.82
N SER A 171 -9.03 3.38 -8.57
CA SER A 171 -8.81 4.67 -9.20
C SER A 171 -7.82 4.48 -10.35
N SER A 172 -6.76 5.26 -10.45
CA SER A 172 -5.83 5.21 -11.56
C SER A 172 -4.75 6.22 -11.25
N ILE A 173 -3.57 6.03 -11.85
CA ILE A 173 -2.58 7.12 -11.85
C ILE A 173 -3.18 8.36 -12.49
N SER A 174 -4.20 8.20 -13.34
CA SER A 174 -4.84 9.35 -13.94
C SER A 174 -5.50 10.24 -12.90
N GLY A 175 -5.78 9.71 -11.70
CA GLY A 175 -6.28 10.52 -10.61
C GLY A 175 -5.24 11.43 -9.99
N LYS A 176 -3.95 11.18 -10.25
CA LYS A 176 -2.85 11.94 -9.68
C LYS A 176 -2.01 12.69 -10.72
N ILE A 177 -1.85 12.14 -11.93
CA ILE A 177 -1.05 12.78 -12.97
C ILE A 177 -1.89 12.92 -14.24
N VAL A 178 -1.33 13.63 -15.22
CA VAL A 178 -2.04 13.88 -16.48
C VAL A 178 -1.41 12.99 -17.55
N ASN A 179 -2.16 12.01 -18.04
CA ASN A 179 -1.58 11.05 -18.99
C ASN A 179 -1.12 11.73 -20.26
N ILE A 180 0.01 11.28 -20.78
CA ILE A 180 0.54 11.74 -22.06
C ILE A 180 1.09 10.54 -22.82
N PRO A 181 1.01 10.57 -24.17
CA PRO A 181 0.50 11.61 -25.07
C PRO A 181 -0.99 11.54 -25.34
N GLN A 182 -1.69 10.54 -24.82
CA GLN A 182 -3.12 10.44 -25.06
C GLN A 182 -3.84 11.38 -24.11
N LEU A 183 -4.57 12.36 -24.65
CA LEU A 183 -5.20 13.38 -23.82
C LEU A 183 -6.61 12.93 -23.44
N GLN A 184 -6.88 12.91 -22.13
CA GLN A 184 -8.11 12.30 -21.64
C GLN A 184 -8.61 13.01 -20.38
N ALA A 185 -8.61 14.35 -20.40
CA ALA A 185 -9.09 15.16 -19.27
C ALA A 185 -10.34 14.62 -18.59
N PRO A 186 -11.41 14.21 -19.29
CA PRO A 186 -12.59 13.70 -18.58
C PRO A 186 -12.32 12.47 -17.74
N TYR A 187 -11.52 11.53 -18.25
CA TYR A 187 -11.17 10.35 -17.47
C TYR A 187 -10.31 10.71 -16.27
N ASN A 188 -9.34 11.61 -16.44
CA ASN A 188 -8.50 11.98 -15.31
C ASN A 188 -9.34 12.67 -14.24
N THR A 189 -10.30 13.48 -14.67
CA THR A 189 -11.16 14.18 -13.73
C THR A 189 -11.97 13.21 -12.89
N ALA A 190 -12.66 12.26 -13.53
CA ALA A 190 -13.46 11.30 -12.77
C ALA A 190 -12.62 10.47 -11.82
N LYS A 191 -11.40 10.10 -12.24
CA LYS A 191 -10.56 9.27 -11.38
C LYS A 191 -10.03 10.08 -10.19
N ALA A 192 -9.62 11.33 -10.40
CA ALA A 192 -9.29 12.19 -9.26
C ALA A 192 -10.47 12.32 -8.31
N ALA A 193 -11.68 12.44 -8.86
CA ALA A 193 -12.86 12.53 -8.02
C ALA A 193 -13.01 11.28 -7.18
N CYS A 194 -12.83 10.12 -7.81
CA CYS A 194 -12.88 8.83 -7.12
C CYS A 194 -11.90 8.78 -5.96
N THR A 195 -10.67 9.19 -6.20
CA THR A 195 -9.64 9.11 -5.16
C THR A 195 -10.03 9.96 -3.95
N HIS A 196 -10.59 11.14 -4.19
CA HIS A 196 -10.91 11.98 -3.04
C HIS A 196 -12.26 11.64 -2.44
N LEU A 197 -13.16 11.00 -3.21
CA LEU A 197 -14.35 10.42 -2.61
C LEU A 197 -13.99 9.35 -1.59
N ALA A 198 -13.04 8.47 -1.95
CA ALA A 198 -12.60 7.42 -1.04
C ALA A 198 -12.08 8.01 0.27
N LYS A 199 -11.25 9.06 0.21
CA LYS A 199 -10.76 9.68 1.44
C LYS A 199 -11.90 10.32 2.22
N SER A 200 -12.84 10.96 1.53
CA SER A 200 -13.97 11.57 2.23
C SER A 200 -14.80 10.54 2.96
N LEU A 201 -15.13 9.43 2.29
CA LEU A 201 -15.90 8.36 2.90
C LEU A 201 -15.14 7.70 4.03
N ALA A 202 -13.80 7.66 3.94
CA ALA A 202 -13.02 7.09 5.03
C ALA A 202 -13.32 7.78 6.36
N ILE A 203 -13.43 9.11 6.35
CA ILE A 203 -13.81 9.84 7.55
C ILE A 203 -15.25 9.52 7.95
N GLU A 204 -16.17 9.53 6.98
CA GLU A 204 -17.59 9.41 7.31
C GLU A 204 -17.96 8.01 7.81
N TRP A 205 -17.26 6.98 7.32
CA TRP A 205 -17.58 5.61 7.66
C TRP A 205 -16.69 5.01 8.73
N ALA A 206 -15.71 5.76 9.22
CA ALA A 206 -14.73 5.22 10.15
C ALA A 206 -15.32 4.49 11.38
N PRO A 207 -16.52 4.81 11.87
CA PRO A 207 -17.09 3.97 12.94
C PRO A 207 -17.45 2.56 12.49
N PHE A 208 -17.57 2.31 11.19
CA PHE A 208 -17.97 0.99 10.76
C PHE A 208 -17.23 0.43 9.55
N ALA A 209 -16.32 1.18 8.94
CA ALA A 209 -15.63 0.60 7.79
C ALA A 209 -14.40 1.40 7.45
N ARG A 210 -13.55 0.76 6.65
CA ARG A 210 -12.38 1.36 6.03
C ARG A 210 -12.65 1.56 4.53
N VAL A 211 -12.11 2.64 3.98
CA VAL A 211 -12.21 2.93 2.56
C VAL A 211 -10.82 3.31 2.06
N ASN A 212 -10.39 2.69 0.96
CA ASN A 212 -9.10 2.98 0.35
C ASN A 212 -9.22 2.86 -1.16
N THR A 213 -8.19 3.35 -1.85
CA THR A 213 -8.10 3.17 -3.29
C THR A 213 -6.88 2.36 -3.66
N ILE A 214 -6.99 1.61 -4.76
CA ILE A 214 -5.85 1.14 -5.52
C ILE A 214 -5.78 2.00 -6.77
N SER A 215 -4.59 2.53 -7.09
CA SER A 215 -4.37 3.31 -8.31
C SER A 215 -3.40 2.57 -9.22
N PRO A 216 -3.90 1.78 -10.15
CA PRO A 216 -3.01 1.10 -11.11
C PRO A 216 -2.41 2.11 -12.08
N GLY A 217 -1.20 1.81 -12.54
CA GLY A 217 -0.60 2.49 -13.68
C GLY A 217 -1.03 1.82 -14.98
N TYR A 218 -0.09 1.63 -15.89
CA TYR A 218 -0.37 1.00 -17.17
C TYR A 218 -0.25 -0.50 -16.96
N ILE A 219 -1.37 -1.20 -17.09
CA ILE A 219 -1.47 -2.64 -16.87
C ILE A 219 -1.83 -3.28 -18.20
N ASP A 220 -1.12 -4.35 -18.56
CA ASP A 220 -1.30 -4.93 -19.89
C ASP A 220 -2.63 -5.68 -19.94
N THR A 221 -3.65 -5.05 -20.54
CA THR A 221 -4.96 -5.66 -20.70
C THR A 221 -5.64 -5.16 -21.97
N ASP A 225 -6.13 -1.31 -26.53
CA ASP A 225 -7.28 -0.81 -27.28
C ASP A 225 -6.81 0.00 -28.49
N PHE A 226 -7.06 1.30 -28.45
CA PHE A 226 -6.55 2.19 -29.51
C PHE A 226 -5.20 2.80 -29.11
N ALA A 227 -4.30 1.94 -28.62
CA ALA A 227 -2.96 2.34 -28.18
C ALA A 227 -1.96 1.91 -29.23
N SER A 228 -1.43 2.86 -29.98
CA SER A 228 -0.40 2.56 -30.98
C SER A 228 0.87 2.10 -30.31
N LYS A 229 1.77 1.52 -31.12
CA LYS A 229 3.06 1.09 -30.62
C LYS A 229 3.89 2.26 -30.12
N ASP A 230 3.83 3.39 -30.83
CA ASP A 230 4.62 4.54 -30.40
C ASP A 230 4.05 5.18 -29.15
N MET A 231 2.75 5.03 -28.91
CA MET A 231 2.18 5.47 -27.64
C MET A 231 2.70 4.62 -26.48
N LYS A 232 2.54 3.30 -26.57
CA LYS A 232 3.04 2.42 -25.51
C LYS A 232 4.54 2.62 -25.31
N ALA A 233 5.28 2.85 -26.39
CA ALA A 233 6.70 3.08 -26.25
C ALA A 233 6.96 4.27 -25.33
N LYS A 234 6.20 5.33 -25.49
CA LYS A 234 6.40 6.50 -24.64
C LYS A 234 6.03 6.19 -23.20
N TRP A 235 4.99 5.39 -22.98
CA TRP A 235 4.67 4.97 -21.62
C TRP A 235 5.85 4.23 -21.00
N TRP A 236 6.43 3.28 -21.74
CA TRP A 236 7.53 2.51 -21.18
C TRP A 236 8.71 3.42 -20.83
N GLN A 237 8.99 4.41 -21.70
CA GLN A 237 10.12 5.31 -21.51
C GLN A 237 9.97 6.16 -20.25
N LEU A 238 8.74 6.47 -19.86
CA LEU A 238 8.48 7.29 -18.69
C LEU A 238 8.21 6.48 -17.42
N THR A 239 8.21 5.13 -17.52
CA THR A 239 7.95 4.26 -16.38
C THR A 239 9.26 3.78 -15.80
N PRO A 240 9.55 4.06 -14.52
CA PRO A 240 10.86 3.69 -13.97
C PRO A 240 11.18 2.22 -14.08
N LEU A 241 10.20 1.33 -13.93
CA LEU A 241 10.51 -0.07 -14.13
C LEU A 241 10.65 -0.46 -15.60
N GLY A 242 10.13 0.35 -16.53
CA GLY A 242 10.43 0.16 -17.94
C GLY A 242 9.46 -0.69 -18.72
N ARG A 243 8.26 -0.90 -18.20
CA ARG A 243 7.30 -1.85 -18.77
C ARG A 243 5.91 -1.52 -18.24
N GLU A 244 4.92 -2.11 -18.88
CA GLU A 244 3.59 -2.20 -18.31
C GLU A 244 3.52 -3.30 -17.25
N GLY A 245 2.58 -3.15 -16.30
CA GLY A 245 2.38 -4.16 -15.29
C GLY A 245 1.42 -5.25 -15.73
N LEU A 246 1.41 -6.34 -14.96
CA LEU A 246 0.47 -7.43 -15.15
C LEU A 246 -0.63 -7.36 -14.10
N THR A 247 -1.82 -7.83 -14.48
CA THR A 247 -2.91 -7.85 -13.50
C THR A 247 -2.53 -8.64 -12.25
N GLN A 248 -1.69 -9.68 -12.40
CA GLN A 248 -1.27 -10.47 -11.25
C GLN A 248 -0.37 -9.68 -10.31
N GLU A 249 0.17 -8.55 -10.75
CA GLU A 249 0.92 -7.68 -9.87
C GLU A 249 0.01 -6.69 -9.12
N LEU A 250 -1.30 -6.72 -9.37
CA LEU A 250 -2.23 -5.91 -8.59
C LEU A 250 -2.89 -6.67 -7.46
N VAL A 251 -2.96 -8.01 -7.52
CA VAL A 251 -3.86 -8.70 -6.61
C VAL A 251 -3.37 -8.63 -5.18
N GLY A 252 -2.05 -8.55 -4.98
CA GLY A 252 -1.53 -8.46 -3.62
C GLY A 252 -1.97 -7.20 -2.90
N GLY A 253 -2.03 -6.09 -3.62
CA GLY A 253 -2.51 -4.84 -3.03
C GLY A 253 -4.00 -4.90 -2.72
N TYR A 254 -4.79 -5.53 -3.60
CA TYR A 254 -6.23 -5.66 -3.37
C TYR A 254 -6.50 -6.59 -2.18
N LEU A 255 -5.70 -7.65 -2.03
CA LEU A 255 -5.83 -8.52 -0.87
C LEU A 255 -5.39 -7.80 0.41
N TYR A 256 -4.29 -7.04 0.32
CA TYR A 256 -3.82 -6.26 1.46
C TYR A 256 -4.93 -5.37 2.03
N LEU A 257 -5.64 -4.64 1.16
CA LEU A 257 -6.66 -3.71 1.62
C LEU A 257 -7.96 -4.41 2.02
N ALA A 258 -8.25 -5.57 1.44
CA ALA A 258 -9.50 -6.27 1.73
C ALA A 258 -9.48 -6.94 3.10
N SER A 259 -8.30 -7.31 3.58
CA SER A 259 -8.18 -8.23 4.70
C SER A 259 -7.76 -7.50 5.97
N ASN A 260 -7.63 -8.27 7.06
CA ASN A 260 -7.11 -7.81 8.35
C ASN A 260 -5.65 -7.48 8.31
N ALA A 261 -5.00 -7.48 7.14
CA ALA A 261 -3.63 -7.03 7.09
C ALA A 261 -3.53 -5.52 7.17
N SER A 262 -4.63 -4.81 7.01
CA SER A 262 -4.64 -3.35 6.87
C SER A 262 -5.69 -2.69 7.75
N THR A 263 -5.89 -3.19 8.98
CA THR A 263 -6.98 -2.67 9.80
C THR A 263 -6.74 -1.26 10.33
N PHE A 264 -5.54 -0.71 10.20
CA PHE A 264 -5.28 0.69 10.52
C PHE A 264 -5.11 1.53 9.27
N THR A 265 -5.42 0.97 8.10
CA THR A 265 -5.20 1.63 6.83
C THR A 265 -6.55 2.12 6.31
N THR A 266 -6.74 3.43 6.28
CA THR A 266 -7.97 3.96 5.73
C THR A 266 -7.66 5.32 5.14
N GLY A 267 -8.45 5.70 4.14
CA GLY A 267 -8.21 6.93 3.41
C GLY A 267 -6.90 6.96 2.66
N SER A 268 -6.32 5.81 2.36
CA SER A 268 -5.04 5.77 1.67
C SER A 268 -5.22 5.38 0.21
N ASP A 269 -4.19 5.70 -0.57
CA ASP A 269 -4.17 5.46 -2.01
C ASP A 269 -2.93 4.60 -2.24
N VAL A 270 -3.13 3.32 -2.50
CA VAL A 270 -2.05 2.39 -2.81
C VAL A 270 -1.78 2.43 -4.31
N VAL A 271 -0.65 3.02 -4.69
CA VAL A 271 -0.27 3.21 -6.09
C VAL A 271 0.56 2.02 -6.55
N ILE A 272 0.18 1.42 -7.68
CA ILE A 272 0.87 0.24 -8.23
C ILE A 272 1.16 0.55 -9.70
N ASP A 273 2.31 1.17 -9.97
CA ASP A 273 2.48 1.83 -11.26
C ASP A 273 3.91 1.74 -11.78
N GLY A 274 4.75 0.86 -11.24
CA GLY A 274 6.11 0.78 -11.76
C GLY A 274 6.87 2.06 -11.59
N GLY A 275 6.40 2.95 -10.73
CA GLY A 275 7.07 4.20 -10.48
C GLY A 275 6.61 5.35 -11.31
N TYR A 276 5.55 5.19 -12.12
CA TYR A 276 5.22 6.17 -13.14
C TYR A 276 4.97 7.56 -12.54
N THR A 277 4.34 7.61 -11.38
CA THR A 277 4.05 8.92 -10.79
C THR A 277 5.27 9.57 -10.15
N CYS A 278 6.46 8.93 -10.17
CA CYS A 278 7.56 9.55 -9.44
C CYS A 278 8.33 10.61 -10.25
N PRO A 279 8.64 10.37 -11.55
CA PRO A 279 9.17 11.48 -12.33
C PRO A 279 8.10 12.55 -12.58
N MET B 1 20.24 3.20 -31.41
CA MET B 1 19.53 3.16 -32.70
C MET B 1 18.83 1.80 -32.82
N GLY B 2 17.53 1.82 -33.09
CA GLY B 2 16.74 0.63 -33.11
C GLY B 2 16.11 0.24 -31.78
N GLU B 3 16.76 0.55 -30.66
CA GLU B 3 16.19 0.25 -29.35
C GLU B 3 15.32 1.39 -28.87
N ILE B 4 14.35 1.05 -28.03
CA ILE B 4 13.62 2.04 -27.23
C ILE B 4 14.40 2.25 -25.94
N GLU B 5 14.93 3.46 -25.75
CA GLU B 5 15.76 3.77 -24.61
C GLU B 5 14.95 4.54 -23.59
N SER B 6 15.07 4.13 -22.33
CA SER B 6 14.32 4.76 -21.25
C SER B 6 14.68 6.23 -21.10
N TYR B 7 13.67 7.06 -20.81
CA TYR B 7 13.95 8.40 -20.34
C TYR B 7 14.31 8.43 -18.86
N CYS B 8 13.93 7.41 -18.09
CA CYS B 8 14.27 7.36 -16.67
C CYS B 8 15.70 6.88 -16.43
N ASN B 9 16.10 5.76 -17.03
CA ASN B 9 17.36 5.12 -16.65
C ASN B 9 17.80 4.20 -17.78
N LYS B 10 18.82 4.61 -18.53
CA LYS B 10 19.29 3.82 -19.66
C LYS B 10 19.84 2.47 -19.23
N GLU B 11 20.09 2.27 -17.93
CA GLU B 11 20.59 0.97 -17.47
C GLU B 11 19.51 -0.09 -17.49
N LEU B 12 18.26 0.29 -17.77
CA LEU B 12 17.20 -0.69 -17.98
C LEU B 12 17.43 -1.53 -19.23
N GLY B 13 18.20 -1.02 -20.18
CA GLY B 13 18.37 -1.67 -21.46
C GLY B 13 17.20 -1.41 -22.39
N PRO B 14 17.19 -2.07 -23.55
CA PRO B 14 16.12 -1.83 -24.53
C PRO B 14 14.75 -2.16 -23.96
N LEU B 15 13.78 -1.23 -24.20
CA LEU B 15 12.47 -1.40 -23.58
C LEU B 15 11.53 -2.18 -24.51
N PRO B 16 10.52 -2.86 -23.95
CA PRO B 16 10.17 -2.92 -22.52
C PRO B 16 10.99 -3.95 -21.78
N THR B 17 11.26 -3.70 -20.51
CA THR B 17 11.79 -4.75 -19.64
C THR B 17 10.74 -5.83 -19.48
N LYS B 18 11.14 -6.93 -18.85
CA LYS B 18 10.30 -8.10 -18.78
C LYS B 18 9.84 -8.38 -17.35
N ALA B 19 8.62 -8.87 -17.25
CA ALA B 19 7.98 -9.13 -15.96
C ALA B 19 8.45 -10.46 -15.37
N PRO B 20 8.42 -10.60 -14.06
CA PRO B 20 8.81 -11.88 -13.44
C PRO B 20 7.69 -12.91 -13.51
N THR B 21 8.08 -14.17 -13.46
CA THR B 21 7.10 -15.22 -13.19
C THR B 21 6.68 -15.16 -11.73
N LEU B 22 5.38 -15.31 -11.48
CA LEU B 22 4.83 -15.21 -10.14
C LEU B 22 3.94 -16.40 -9.83
N SER B 23 3.80 -16.70 -8.54
CA SER B 23 2.92 -17.78 -8.12
C SER B 23 1.50 -17.56 -8.64
N LYS B 24 0.80 -18.67 -8.90
CA LYS B 24 -0.58 -18.60 -9.34
C LYS B 24 -1.51 -18.22 -8.21
N ASN B 25 -1.14 -18.53 -6.97
CA ASN B 25 -1.99 -18.30 -5.81
C ASN B 25 -1.52 -17.07 -5.05
N VAL B 26 -2.43 -16.14 -4.81
CA VAL B 26 -2.07 -14.84 -4.23
C VAL B 26 -1.35 -14.99 -2.89
N LEU B 27 -1.68 -16.02 -2.11
CA LEU B 27 -1.08 -16.15 -0.79
C LEU B 27 0.40 -16.50 -0.87
N ASP B 28 0.81 -17.25 -1.89
CA ASP B 28 2.21 -17.60 -2.05
C ASP B 28 3.06 -16.38 -2.39
N LEU B 29 2.46 -15.36 -3.00
CA LEU B 29 3.20 -14.15 -3.35
C LEU B 29 3.80 -13.49 -2.11
N PHE B 30 3.20 -13.68 -0.94
CA PHE B 30 3.64 -13.03 0.28
C PHE B 30 4.73 -13.81 1.02
N SER B 31 5.05 -15.02 0.57
CA SER B 31 6.05 -15.83 1.26
C SER B 31 7.46 -15.25 1.09
N LEU B 32 8.20 -15.21 2.20
CA LEU B 32 9.61 -14.90 2.18
C LEU B 32 10.49 -16.15 2.34
N LYS B 33 9.93 -17.33 2.06
CA LYS B 33 10.72 -18.55 2.15
C LYS B 33 11.87 -18.50 1.15
N GLY B 34 13.09 -18.68 1.66
CA GLY B 34 14.29 -18.65 0.85
C GLY B 34 15.00 -17.32 0.79
N LYS B 35 14.50 -16.30 1.47
CA LYS B 35 15.03 -14.95 1.37
C LYS B 35 15.64 -14.51 2.71
N VAL B 36 16.58 -13.56 2.60
CA VAL B 36 17.26 -12.97 3.74
C VAL B 36 16.78 -11.52 3.90
N ALA B 37 16.31 -11.16 5.10
CA ALA B 37 15.90 -9.79 5.39
C ALA B 37 16.80 -9.18 6.44
N SER B 38 17.10 -7.88 6.28
CA SER B 38 17.91 -7.12 7.23
C SER B 38 17.12 -5.90 7.68
N VAL B 39 16.78 -5.85 8.97
CA VAL B 39 15.85 -4.85 9.53
C VAL B 39 16.60 -4.03 10.57
N THR B 40 16.85 -2.76 10.27
CA THR B 40 17.51 -1.91 11.25
C THR B 40 16.56 -1.56 12.39
N GLY B 41 17.11 -0.99 13.45
CA GLY B 41 16.32 -0.59 14.62
C GLY B 41 15.45 -1.69 15.17
N SER B 42 15.96 -2.91 15.16
CA SER B 42 15.15 -4.11 15.30
C SER B 42 15.18 -4.71 16.71
N SER B 43 15.75 -4.00 17.68
CA SER B 43 15.73 -4.51 19.05
C SER B 43 14.39 -4.26 19.75
N GLY B 44 13.48 -3.54 19.11
CA GLY B 44 12.19 -3.27 19.72
C GLY B 44 11.34 -2.44 18.79
N GLY B 45 10.16 -2.08 19.29
CA GLY B 45 9.27 -1.17 18.57
C GLY B 45 8.83 -1.73 17.23
N ILE B 46 8.81 -0.84 16.24
CA ILE B 46 8.41 -1.22 14.89
C ILE B 46 9.39 -2.23 14.29
N GLY B 47 10.69 -1.96 14.40
CA GLY B 47 11.68 -2.86 13.83
C GLY B 47 11.50 -4.30 14.27
N TRP B 48 11.35 -4.53 15.58
CA TRP B 48 11.17 -5.90 16.05
C TRP B 48 9.90 -6.53 15.49
N ALA B 49 8.81 -5.76 15.43
CA ALA B 49 7.58 -6.26 14.84
C ALA B 49 7.83 -6.76 13.42
N VAL B 50 8.55 -5.95 12.64
CA VAL B 50 8.82 -6.29 11.24
C VAL B 50 9.71 -7.52 11.16
N ALA B 51 10.78 -7.57 11.96
CA ALA B 51 11.69 -8.71 11.93
C ALA B 51 10.98 -10.01 12.28
N GLU B 52 10.08 -9.98 13.27
CA GLU B 52 9.37 -11.19 13.64
C GLU B 52 8.38 -11.61 12.56
N ALA B 53 7.65 -10.65 11.97
CA ALA B 53 6.71 -10.99 10.91
C ALA B 53 7.42 -11.56 9.69
N TYR B 54 8.64 -11.10 9.41
CA TYR B 54 9.37 -11.62 8.26
C TYR B 54 9.77 -13.08 8.49
N ALA B 55 10.15 -13.42 9.72
CA ALA B 55 10.44 -14.82 10.06
C ALA B 55 9.18 -15.67 9.98
N GLN B 56 8.06 -15.16 10.50
CA GLN B 56 6.78 -15.82 10.27
C GLN B 56 6.52 -16.09 8.79
N ALA B 57 6.92 -15.16 7.93
CA ALA B 57 6.82 -15.36 6.49
C ALA B 57 7.92 -16.26 5.95
N GLY B 58 8.90 -16.62 6.77
CA GLY B 58 9.86 -17.65 6.40
C GLY B 58 11.24 -17.14 6.05
N ALA B 59 11.59 -15.95 6.52
CA ALA B 59 12.81 -15.28 6.11
C ALA B 59 13.91 -15.43 7.17
N ASP B 60 15.14 -15.66 6.72
CA ASP B 60 16.29 -15.38 7.56
C ASP B 60 16.34 -13.88 7.83
N VAL B 61 16.59 -13.51 9.07
CA VAL B 61 16.47 -12.11 9.47
C VAL B 61 17.74 -11.70 10.22
N ALA B 62 18.40 -10.65 9.72
CA ALA B 62 19.43 -9.96 10.48
C ALA B 62 18.79 -8.81 11.24
N ILE B 63 18.88 -8.84 12.56
CA ILE B 63 18.37 -7.74 13.38
C ILE B 63 19.54 -6.87 13.79
N TRP B 64 19.25 -5.58 14.02
CA TRP B 64 20.25 -4.59 14.40
C TRP B 64 19.94 -4.07 15.80
N TYR B 65 21.00 -3.67 16.52
CA TYR B 65 20.80 -2.99 17.79
C TYR B 65 21.90 -1.94 17.97
N ASN B 66 21.76 -1.15 19.03
CA ASN B 66 22.67 -0.05 19.32
C ASN B 66 22.73 0.21 20.81
N SER B 67 21.65 -0.12 21.53
CA SER B 67 21.54 0.16 22.94
C SER B 67 21.87 -1.07 23.78
N HIS B 68 20.99 -2.07 23.74
CA HIS B 68 21.10 -3.28 24.55
C HIS B 68 21.33 -4.48 23.64
N PRO B 69 21.90 -5.57 24.17
CA PRO B 69 22.13 -6.76 23.34
C PRO B 69 20.82 -7.34 22.82
N ALA B 70 20.77 -7.56 21.52
CA ALA B 70 19.62 -8.16 20.87
C ALA B 70 19.87 -9.62 20.49
N ASP B 71 21.01 -10.19 20.91
CA ASP B 71 21.33 -11.56 20.55
C ASP B 71 20.24 -12.53 20.97
N GLU B 72 19.62 -12.28 22.13
CA GLU B 72 18.56 -13.16 22.60
C GLU B 72 17.31 -13.02 21.75
N LYS B 73 16.97 -11.80 21.35
CA LYS B 73 15.86 -11.61 20.41
C LYS B 73 16.12 -12.37 19.12
N ALA B 74 17.36 -12.36 18.63
CA ALA B 74 17.69 -13.14 17.44
C ALA B 74 17.59 -14.64 17.72
N GLU B 75 17.96 -15.07 18.93
CA GLU B 75 17.81 -16.47 19.27
C GLU B 75 16.34 -16.88 19.32
N HIS B 76 15.46 -15.97 19.75
CA HIS B 76 14.03 -16.29 19.77
C HIS B 76 13.51 -16.55 18.36
N LEU B 77 13.90 -15.72 17.40
CA LEU B 77 13.52 -15.98 16.00
C LEU B 77 14.03 -17.33 15.54
N GLN B 78 15.32 -17.60 15.77
CA GLN B 78 15.89 -18.87 15.38
C GLN B 78 15.16 -20.05 16.02
N LYS B 79 14.73 -19.88 17.28
CA LYS B 79 14.10 -20.99 18.00
C LYS B 79 12.65 -21.19 17.59
N THR B 80 11.89 -20.12 17.43
CA THR B 80 10.44 -20.24 17.30
C THR B 80 10.03 -20.59 15.87
N TYR B 81 10.72 -20.06 14.87
CA TYR B 81 10.27 -20.18 13.47
C TYR B 81 11.20 -21.03 12.61
N GLY B 82 12.35 -21.44 13.13
CA GLY B 82 13.25 -22.27 12.35
C GLY B 82 13.86 -21.55 11.17
N VAL B 83 14.44 -20.37 11.43
CA VAL B 83 15.16 -19.60 10.43
C VAL B 83 16.47 -19.13 11.05
N HIS B 84 17.40 -18.73 10.19
CA HIS B 84 18.67 -18.16 10.62
C HIS B 84 18.46 -16.70 11.04
N SER B 85 19.14 -16.32 12.13
CA SER B 85 18.99 -14.97 12.66
C SER B 85 20.22 -14.63 13.49
N LYS B 86 20.63 -13.36 13.42
CA LYS B 86 21.76 -12.86 14.19
C LYS B 86 21.57 -11.38 14.45
N ALA B 87 22.10 -10.91 15.59
CA ALA B 87 22.03 -9.52 15.99
C ALA B 87 23.36 -8.83 15.75
N TYR B 88 23.31 -7.58 15.29
CA TYR B 88 24.48 -6.80 14.94
C TYR B 88 24.41 -5.44 15.61
N LYS B 89 25.52 -4.98 16.15
CA LYS B 89 25.63 -3.66 16.75
C LYS B 89 26.21 -2.71 15.73
N CYS B 90 25.60 -1.53 15.61
CA CYS B 90 26.10 -0.53 14.67
C CYS B 90 25.54 0.83 15.04
N ASN B 91 26.36 1.85 14.88
CA ASN B 91 25.91 3.25 14.93
C ASN B 91 25.66 3.67 13.48
N ILE B 92 24.40 3.60 13.04
CA ILE B 92 24.08 3.86 11.64
C ILE B 92 24.43 5.28 11.23
N SER B 93 24.63 6.17 12.21
CA SER B 93 25.14 7.51 11.92
C SER B 93 26.59 7.50 11.44
N ASP B 94 27.29 6.38 11.56
CA ASP B 94 28.69 6.31 11.13
C ASP B 94 28.82 5.38 9.94
N PRO B 95 29.22 5.92 8.78
CA PRO B 95 29.15 5.12 7.53
C PRO B 95 30.09 3.93 7.51
N LYS B 96 31.30 4.06 8.05
CA LYS B 96 32.18 2.90 8.18
C LYS B 96 31.46 1.77 8.92
N SER B 97 30.74 2.12 9.98
CA SER B 97 30.05 1.12 10.80
C SER B 97 28.98 0.39 9.99
N VAL B 98 28.08 1.14 9.34
CA VAL B 98 27.02 0.49 8.56
C VAL B 98 27.60 -0.27 7.37
N GLU B 99 28.62 0.30 6.72
CA GLU B 99 29.29 -0.43 5.64
C GLU B 99 29.85 -1.75 6.14
N GLU B 100 30.59 -1.71 7.24
CA GLU B 100 31.14 -2.95 7.78
C GLU B 100 30.03 -3.87 8.27
N THR B 101 28.98 -3.30 8.87
CA THR B 101 27.87 -4.12 9.33
C THR B 101 27.18 -4.82 8.16
N ILE B 102 26.83 -4.07 7.12
CA ILE B 102 26.15 -4.67 5.98
C ILE B 102 27.06 -5.64 5.23
N SER B 103 28.34 -5.29 5.08
CA SER B 103 29.30 -6.23 4.51
C SER B 103 29.35 -7.53 5.32
N GLN B 104 29.40 -7.41 6.65
CA GLN B 104 29.44 -8.62 7.48
C GLN B 104 28.15 -9.42 7.34
N GLN B 105 27.01 -8.73 7.23
CA GLN B 105 25.73 -9.42 7.15
C GLN B 105 25.59 -10.22 5.87
N GLU B 106 26.04 -9.68 4.73
CA GLU B 106 25.94 -10.45 3.50
C GLU B 106 26.92 -11.61 3.50
N LYS B 107 28.04 -11.47 4.20
CA LYS B 107 28.92 -12.62 4.39
C LYS B 107 28.24 -13.70 5.22
N ASP B 108 27.55 -13.31 6.30
CA ASP B 108 27.01 -14.31 7.23
C ASP B 108 25.80 -15.03 6.66
N PHE B 109 24.96 -14.36 5.88
CA PHE B 109 23.75 -14.99 5.35
C PHE B 109 23.87 -15.37 3.88
N GLY B 110 24.94 -14.93 3.21
CA GLY B 110 25.15 -15.22 1.79
C GLY B 110 24.74 -14.06 0.92
N THR B 111 23.58 -13.48 1.22
CA THR B 111 23.02 -12.39 0.44
C THR B 111 22.03 -11.64 1.30
N ILE B 112 21.52 -10.52 0.76
CA ILE B 112 20.42 -9.78 1.35
C ILE B 112 19.41 -9.51 0.25
N ASP B 113 18.17 -9.91 0.47
CA ASP B 113 17.08 -9.73 -0.48
C ASP B 113 16.13 -8.60 -0.08
N VAL B 114 15.88 -8.45 1.20
CA VAL B 114 14.96 -7.46 1.73
C VAL B 114 15.71 -6.63 2.77
N PHE B 115 15.64 -5.31 2.64
CA PHE B 115 16.24 -4.43 3.62
C PHE B 115 15.21 -3.43 4.10
N VAL B 116 15.13 -3.23 5.41
CA VAL B 116 14.25 -2.24 6.02
C VAL B 116 15.12 -1.23 6.75
N ALA B 117 15.23 -0.02 6.21
CA ALA B 117 15.91 1.07 6.89
C ALA B 117 14.91 1.76 7.83
N ASN B 118 15.11 1.56 9.14
CA ASN B 118 14.22 2.11 10.17
C ASN B 118 15.02 2.96 11.13
N ALA B 119 14.88 4.29 11.02
CA ALA B 119 15.53 5.21 11.94
C ALA B 119 14.61 5.54 13.10
N GLY B 120 15.21 5.74 14.28
CA GLY B 120 14.41 5.89 15.48
C GLY B 120 14.69 7.13 16.32
N VAL B 121 15.54 8.04 15.83
CA VAL B 121 15.80 9.26 16.59
C VAL B 121 14.58 10.16 16.50
N THR B 122 14.11 10.64 17.64
CA THR B 122 12.92 11.47 17.69
C THR B 122 13.33 12.85 18.19
N TRP B 123 12.46 13.84 17.94
CA TRP B 123 12.67 15.20 18.41
C TRP B 123 11.64 15.49 19.50
N THR B 124 12.12 15.74 20.72
CA THR B 124 11.24 15.98 21.86
C THR B 124 11.40 17.36 22.47
N GLN B 125 12.07 18.28 21.78
CA GLN B 125 12.52 19.52 22.40
C GLN B 125 11.65 20.71 22.03
N GLY B 126 10.49 20.49 21.42
CA GLY B 126 9.55 21.56 21.12
C GLY B 126 10.01 22.44 19.99
N PRO B 127 9.50 23.66 19.93
CA PRO B 127 9.80 24.55 18.80
C PRO B 127 11.28 24.81 18.68
N GLU B 128 11.75 24.74 17.43
CA GLU B 128 13.18 24.74 17.13
C GLU B 128 13.82 26.07 17.47
N ILE B 129 13.01 27.13 17.57
CA ILE B 129 13.55 28.48 17.70
C ILE B 129 14.26 28.64 19.04
N ASP B 130 13.85 27.90 20.06
CA ASP B 130 14.47 27.97 21.37
C ASP B 130 15.56 26.92 21.57
N VAL B 131 15.92 26.19 20.51
CA VAL B 131 16.96 25.16 20.62
C VAL B 131 18.19 25.62 19.85
N ASP B 132 19.09 26.31 20.54
CA ASP B 132 20.27 26.90 19.90
C ASP B 132 21.40 25.91 19.71
N ASN B 133 21.24 24.67 20.16
CA ASN B 133 22.19 23.61 19.88
C ASN B 133 21.79 22.93 18.58
N TYR B 134 22.56 23.19 17.51
CA TYR B 134 22.39 22.40 16.30
C TYR B 134 22.74 20.94 16.57
N ASP B 135 23.20 20.64 17.78
CA ASP B 135 23.46 19.25 18.14
C ASP B 135 22.22 18.39 17.98
N SER B 136 21.05 18.93 18.34
CA SER B 136 19.82 18.16 18.18
C SER B 136 19.41 18.08 16.72
N TRP B 137 19.45 19.20 16.00
CA TRP B 137 19.26 19.17 14.56
C TRP B 137 20.24 18.22 13.88
N ASN B 138 21.54 18.40 14.16
CA ASN B 138 22.54 17.54 13.52
C ASN B 138 22.31 16.08 13.87
N LYS B 139 21.86 15.80 15.10
CA LYS B 139 21.62 14.42 15.49
C LYS B 139 20.50 13.80 14.69
N ILE B 140 19.40 14.55 14.51
CA ILE B 140 18.27 14.03 13.73
C ILE B 140 18.68 13.82 12.28
N ILE B 141 19.34 14.81 11.68
CA ILE B 141 19.75 14.69 10.29
C ILE B 141 20.75 13.55 10.14
N SER B 142 21.63 13.38 11.12
CA SER B 142 22.68 12.35 10.97
C SER B 142 22.09 10.95 11.04
N VAL B 143 21.17 10.70 11.97
CA VAL B 143 20.64 9.35 12.10
C VAL B 143 19.46 9.13 11.17
N ASP B 144 18.52 10.07 11.15
CA ASP B 144 17.27 9.82 10.44
C ASP B 144 17.37 10.09 8.95
N LEU B 145 18.42 10.77 8.48
CA LEU B 145 18.61 10.98 7.04
C LEU B 145 19.94 10.42 6.56
N ASN B 146 21.07 10.96 7.04
CA ASN B 146 22.37 10.43 6.63
C ASN B 146 22.46 8.93 6.89
N GLY B 147 22.03 8.49 8.07
CA GLY B 147 22.10 7.08 8.39
C GLY B 147 21.28 6.21 7.45
N VAL B 148 20.10 6.69 7.06
CA VAL B 148 19.29 5.95 6.09
C VAL B 148 19.97 5.92 4.73
N TYR B 149 20.64 7.02 4.37
CA TYR B 149 21.34 7.04 3.10
C TYR B 149 22.54 6.08 3.11
N TYR B 150 23.24 5.98 4.24
CA TYR B 150 24.38 5.06 4.32
C TYR B 150 23.93 3.61 4.11
N CYS B 151 22.85 3.21 4.79
CA CYS B 151 22.32 1.86 4.59
C CYS B 151 21.93 1.65 3.14
N SER B 152 21.17 2.60 2.58
CA SER B 152 20.75 2.53 1.18
C SER B 152 21.94 2.41 0.24
N HIS B 153 22.89 3.35 0.35
CA HIS B 153 24.06 3.35 -0.51
C HIS B 153 24.75 2.00 -0.50
N ASN B 154 24.84 1.36 0.67
CA ASN B 154 25.54 0.09 0.75
C ASN B 154 24.66 -1.08 0.28
N ILE B 155 23.36 -1.07 0.57
CA ILE B 155 22.56 -2.23 0.19
C ILE B 155 22.31 -2.23 -1.33
N GLY B 156 22.30 -1.05 -1.96
CA GLY B 156 22.15 -1.00 -3.40
C GLY B 156 23.21 -1.78 -4.14
N LYS B 157 24.47 -1.70 -3.69
CA LYS B 157 25.53 -2.45 -4.34
C LYS B 157 25.26 -3.94 -4.31
N ILE B 158 24.72 -4.44 -3.19
CA ILE B 158 24.35 -5.85 -3.09
C ILE B 158 23.21 -6.18 -4.05
N PHE B 159 22.14 -5.37 -4.03
CA PHE B 159 21.02 -5.62 -4.94
C PHE B 159 21.49 -5.63 -6.39
N LYS B 160 22.36 -4.70 -6.76
CA LYS B 160 22.81 -4.60 -8.14
C LYS B 160 23.66 -5.80 -8.52
N LYS B 161 24.54 -6.23 -7.61
CA LYS B 161 25.34 -7.43 -7.84
C LYS B 161 24.46 -8.65 -8.10
N ASN B 162 23.38 -8.78 -7.33
CA ASN B 162 22.47 -9.92 -7.45
C ASN B 162 21.34 -9.70 -8.45
N GLY B 163 21.17 -8.50 -8.99
CA GLY B 163 20.03 -8.20 -9.84
C GLY B 163 18.65 -8.28 -9.21
N LYS B 164 18.54 -8.25 -7.88
CA LYS B 164 17.22 -8.32 -7.25
C LYS B 164 17.29 -7.66 -5.89
N GLY B 165 16.13 -7.18 -5.42
CA GLY B 165 16.08 -6.62 -4.09
C GLY B 165 14.84 -5.78 -3.88
N SER B 166 14.51 -5.59 -2.60
CA SER B 166 13.43 -4.69 -2.19
C SER B 166 13.88 -3.92 -0.97
N LEU B 167 13.99 -2.60 -1.10
CA LEU B 167 14.34 -1.70 -0.01
C LEU B 167 13.06 -1.01 0.49
N ILE B 168 12.79 -1.11 1.78
CA ILE B 168 11.69 -0.39 2.42
C ILE B 168 12.32 0.62 3.37
N ILE B 169 12.02 1.91 3.18
CA ILE B 169 12.44 2.95 4.10
C ILE B 169 11.25 3.28 4.99
N THR B 170 11.46 3.24 6.30
CA THR B 170 10.41 3.65 7.22
C THR B 170 10.44 5.16 7.34
N SER B 171 9.40 5.81 6.84
CA SER B 171 9.26 7.25 6.96
C SER B 171 8.25 7.56 8.08
N SER B 172 7.29 8.43 7.87
CA SER B 172 6.34 8.80 8.91
C SER B 172 5.26 9.64 8.25
N ILE B 173 4.10 9.73 8.90
CA ILE B 173 3.18 10.78 8.50
C ILE B 173 3.85 12.13 8.62
N SER B 174 4.90 12.23 9.45
CA SER B 174 5.62 13.49 9.58
C SER B 174 6.34 13.87 8.28
N GLY B 175 6.47 12.94 7.33
CA GLY B 175 7.04 13.27 6.03
C GLY B 175 6.07 13.96 5.10
N LYS B 176 4.78 13.89 5.44
CA LYS B 176 3.67 14.43 4.66
C LYS B 176 2.94 15.58 5.34
N ILE B 177 2.79 15.54 6.66
CA ILE B 177 2.04 16.55 7.39
C ILE B 177 2.94 17.11 8.50
N VAL B 178 2.44 18.12 9.20
CA VAL B 178 3.18 18.75 10.30
C VAL B 178 2.48 18.37 11.60
N ASN B 179 3.14 17.59 12.44
CA ASN B 179 2.51 17.11 13.67
C ASN B 179 2.13 18.27 14.56
N ILE B 180 0.95 18.15 15.17
CA ILE B 180 0.49 19.07 16.22
C ILE B 180 -0.12 18.26 17.35
N PRO B 181 -0.03 18.78 18.56
CA PRO B 181 0.58 20.05 18.97
C PRO B 181 2.07 19.98 19.29
N GLN B 182 2.69 18.79 19.24
CA GLN B 182 4.10 18.70 19.56
C GLN B 182 4.90 19.09 18.32
N LEU B 183 5.65 20.19 18.42
CA LEU B 183 6.32 20.77 17.25
C LEU B 183 7.69 20.14 17.11
N GLN B 184 8.01 19.67 15.91
CA GLN B 184 9.19 18.87 15.70
C GLN B 184 9.67 19.01 14.26
N ALA B 185 9.76 20.25 13.78
CA ALA B 185 10.23 20.56 12.42
C ALA B 185 11.46 19.76 11.98
N PRO B 186 12.50 19.60 12.81
CA PRO B 186 13.65 18.79 12.33
C PRO B 186 13.30 17.35 12.03
N TYR B 187 12.43 16.73 12.84
CA TYR B 187 12.01 15.36 12.57
C TYR B 187 11.19 15.30 11.28
N ASN B 188 10.26 16.24 11.14
CA ASN B 188 9.42 16.27 9.94
C ASN B 188 10.29 16.43 8.71
N THR B 189 11.30 17.29 8.78
CA THR B 189 12.20 17.54 7.67
C THR B 189 12.94 16.27 7.25
N ALA B 190 13.52 15.57 8.23
CA ALA B 190 14.27 14.36 7.89
C ALA B 190 13.36 13.29 7.29
N LYS B 191 12.12 13.18 7.78
CA LYS B 191 11.21 12.15 7.27
C LYS B 191 10.71 12.50 5.87
N ALA B 192 10.47 13.77 5.56
CA ALA B 192 10.17 14.14 4.18
C ALA B 192 11.34 13.83 3.26
N ALA B 193 12.57 14.09 3.74
CA ALA B 193 13.76 13.74 2.98
C ALA B 193 13.79 12.25 2.66
N CYS B 194 13.57 11.41 3.67
CA CYS B 194 13.56 9.97 3.47
C CYS B 194 12.53 9.55 2.44
N THR B 195 11.35 10.16 2.50
CA THR B 195 10.30 9.81 1.56
C THR B 195 10.73 10.11 0.12
N HIS B 196 11.34 11.29 -0.13
CA HIS B 196 11.76 11.57 -1.49
C HIS B 196 13.07 10.88 -1.87
N LEU B 197 13.89 10.55 -0.89
CA LEU B 197 15.07 9.75 -1.20
C LEU B 197 14.64 8.41 -1.77
N ALA B 198 13.67 7.77 -1.13
CA ALA B 198 13.14 6.50 -1.62
C ALA B 198 12.65 6.62 -3.06
N LYS B 199 11.88 7.66 -3.36
CA LYS B 199 11.41 7.84 -4.73
C LYS B 199 12.56 8.00 -5.70
N SER B 200 13.60 8.75 -5.29
CA SER B 200 14.73 8.99 -6.18
C SER B 200 15.50 7.71 -6.43
N LEU B 201 15.71 6.92 -5.38
CA LEU B 201 16.43 5.66 -5.52
C LEU B 201 15.63 4.65 -6.33
N ALA B 202 14.30 4.73 -6.27
CA ALA B 202 13.49 3.84 -7.08
C ALA B 202 13.79 4.02 -8.58
N ILE B 203 13.98 5.26 -9.03
CA ILE B 203 14.37 5.46 -10.43
C ILE B 203 15.77 4.90 -10.68
N GLU B 204 16.70 5.20 -9.77
CA GLU B 204 18.10 4.85 -9.99
C GLU B 204 18.34 3.34 -9.94
N TRP B 205 17.58 2.63 -9.10
CA TRP B 205 17.81 1.21 -8.86
C TRP B 205 16.87 0.31 -9.66
N ALA B 206 15.93 0.90 -10.40
CA ALA B 206 14.93 0.16 -11.15
C ALA B 206 15.43 -1.04 -11.96
N PRO B 207 16.66 -1.05 -12.51
CA PRO B 207 17.10 -2.24 -13.24
C PRO B 207 17.37 -3.43 -12.34
N PHE B 208 17.45 -3.23 -11.02
CA PHE B 208 17.77 -4.35 -10.15
C PHE B 208 17.04 -4.36 -8.81
N ALA B 209 16.21 -3.37 -8.46
CA ALA B 209 15.60 -3.40 -7.15
C ALA B 209 14.36 -2.50 -7.13
N ARG B 210 13.49 -2.74 -6.14
CA ARG B 210 12.37 -1.86 -5.86
C ARG B 210 12.65 -1.10 -4.57
N VAL B 211 12.16 0.13 -4.49
CA VAL B 211 12.34 0.97 -3.32
C VAL B 211 10.98 1.60 -3.00
N ASN B 212 10.51 1.41 -1.76
CA ASN B 212 9.24 1.99 -1.34
C ASN B 212 9.35 2.46 0.11
N THR B 213 8.40 3.28 0.53
CA THR B 213 8.33 3.68 1.94
C THR B 213 7.05 3.17 2.58
N ILE B 214 7.16 2.90 3.89
CA ILE B 214 6.02 2.79 4.81
C ILE B 214 6.01 4.06 5.64
N SER B 215 4.86 4.70 5.76
CA SER B 215 4.70 5.90 6.59
C SER B 215 3.70 5.61 7.68
N PRO B 216 4.16 5.19 8.86
CA PRO B 216 3.23 4.93 9.96
C PRO B 216 2.69 6.23 10.55
N GLY B 217 1.48 6.14 11.07
CA GLY B 217 0.89 7.22 11.85
C GLY B 217 1.30 7.05 13.30
N TYR B 218 0.38 7.31 14.23
CA TYR B 218 0.65 7.16 15.65
C TYR B 218 0.45 5.69 16.03
N ILE B 219 1.55 5.04 16.38
CA ILE B 219 1.55 3.62 16.74
C ILE B 219 1.94 3.52 18.20
N ASP B 220 1.18 2.75 18.96
CA ASP B 220 1.46 2.56 20.38
C ASP B 220 2.46 1.41 20.49
N THR B 221 3.72 1.76 20.76
CA THR B 221 4.80 0.79 20.82
C THR B 221 5.27 0.64 22.27
N ASP B 222 6.53 0.23 22.45
CA ASP B 222 7.12 0.00 23.77
C ASP B 222 7.99 1.17 24.21
N ALA B 227 4.77 11.47 26.02
CA ALA B 227 3.53 11.99 25.46
C ALA B 227 2.47 12.13 26.54
N SER B 228 2.05 13.37 26.80
CA SER B 228 1.05 13.61 27.82
C SER B 228 -0.31 13.07 27.40
N LYS B 229 -1.20 12.97 28.38
CA LYS B 229 -2.56 12.52 28.14
C LYS B 229 -3.29 13.45 27.18
N ASP B 230 -3.26 14.75 27.47
CA ASP B 230 -3.95 15.71 26.62
C ASP B 230 -3.39 15.70 25.20
N MET B 231 -2.07 15.48 25.06
CA MET B 231 -1.48 15.40 23.74
C MET B 231 -2.06 14.24 22.94
N LYS B 232 -1.99 13.03 23.50
CA LYS B 232 -2.55 11.86 22.82
C LYS B 232 -4.05 12.02 22.54
N ALA B 233 -4.79 12.68 23.43
CA ALA B 233 -6.23 12.86 23.19
C ALA B 233 -6.46 13.65 21.91
N LYS B 234 -5.64 14.69 21.68
CA LYS B 234 -5.75 15.47 20.47
C LYS B 234 -5.39 14.65 19.24
N TRP B 235 -4.36 13.80 19.33
CA TRP B 235 -4.09 12.87 18.23
C TRP B 235 -5.31 12.03 17.92
N TRP B 236 -5.96 11.48 18.95
CA TRP B 236 -7.13 10.65 18.70
C TRP B 236 -8.24 11.44 18.02
N GLN B 237 -8.44 12.68 18.48
CA GLN B 237 -9.52 13.52 17.95
C GLN B 237 -9.32 13.82 16.48
N LEU B 238 -8.08 13.87 16.03
CA LEU B 238 -7.75 14.19 14.66
C LEU B 238 -7.52 12.96 13.80
N THR B 239 -7.64 11.75 14.38
CA THR B 239 -7.48 10.51 13.62
C THR B 239 -8.85 9.98 13.22
N PRO B 240 -9.13 9.83 11.92
CA PRO B 240 -10.44 9.30 11.52
C PRO B 240 -10.82 7.99 12.19
N LEU B 241 -9.89 7.05 12.38
CA LEU B 241 -10.28 5.80 13.06
C LEU B 241 -10.45 6.00 14.56
N GLY B 242 -9.91 7.07 15.13
CA GLY B 242 -10.20 7.41 16.52
C GLY B 242 -9.27 6.82 17.54
N ARG B 243 -8.10 6.34 17.13
CA ARG B 243 -7.20 5.62 18.03
C ARG B 243 -5.79 5.63 17.44
N GLU B 244 -4.82 5.24 18.26
CA GLU B 244 -3.51 4.88 17.76
C GLU B 244 -3.53 3.46 17.19
N GLY B 245 -2.54 3.16 16.30
CA GLY B 245 -2.42 1.85 15.71
C GLY B 245 -1.52 0.91 16.53
N LEU B 246 -1.63 -0.38 16.21
CA LEU B 246 -0.78 -1.41 16.79
C LEU B 246 0.31 -1.80 15.80
N THR B 247 1.44 -2.30 16.32
CA THR B 247 2.49 -2.76 15.42
C THR B 247 2.00 -3.88 14.52
N GLN B 248 1.11 -4.73 15.03
CA GLN B 248 0.53 -5.80 14.21
C GLN B 248 -0.30 -5.26 13.06
N GLU B 249 -0.67 -3.99 13.08
CA GLU B 249 -1.35 -3.37 11.96
C GLU B 249 -0.39 -2.79 10.92
N LEU B 250 0.93 -2.83 11.17
CA LEU B 250 1.92 -2.39 10.19
C LEU B 250 2.53 -3.54 9.41
N VAL B 251 2.60 -4.75 9.99
CA VAL B 251 3.41 -5.79 9.37
C VAL B 251 2.84 -6.26 8.04
N GLY B 252 1.52 -6.15 7.85
CA GLY B 252 0.94 -6.49 6.56
C GLY B 252 1.51 -5.67 5.43
N GLY B 253 1.64 -4.36 5.63
CA GLY B 253 2.23 -3.52 4.61
C GLY B 253 3.70 -3.80 4.37
N TYR B 254 4.45 -4.02 5.45
CA TYR B 254 5.88 -4.32 5.31
C TYR B 254 6.09 -5.62 4.55
N LEU B 255 5.22 -6.61 4.79
CA LEU B 255 5.35 -7.88 4.07
C LEU B 255 4.90 -7.73 2.62
N TYR B 256 3.89 -6.89 2.37
CA TYR B 256 3.46 -6.60 1.02
C TYR B 256 4.62 -6.05 0.19
N LEU B 257 5.31 -5.03 0.71
CA LEU B 257 6.40 -4.40 -0.02
C LEU B 257 7.62 -5.31 -0.11
N ALA B 258 7.82 -6.18 0.87
CA ALA B 258 9.02 -7.02 0.89
C ALA B 258 8.92 -8.15 -0.12
N SER B 259 7.72 -8.63 -0.38
CA SER B 259 7.52 -9.88 -1.09
C SER B 259 7.21 -9.65 -2.56
N ASN B 260 7.06 -10.77 -3.28
CA ASN B 260 6.62 -10.81 -4.67
C ASN B 260 5.17 -10.45 -4.82
N ALA B 261 4.49 -10.01 -3.76
CA ALA B 261 3.15 -9.47 -3.88
C ALA B 261 3.13 -8.09 -4.53
N SER B 262 4.28 -7.43 -4.61
CA SER B 262 4.35 -6.04 -5.06
C SER B 262 5.42 -5.83 -6.13
N THR B 263 5.53 -6.74 -7.10
CA THR B 263 6.64 -6.65 -8.05
C THR B 263 6.52 -5.51 -9.06
N PHE B 264 5.36 -4.85 -9.17
CA PHE B 264 5.21 -3.62 -9.95
C PHE B 264 5.11 -2.39 -9.06
N THR B 265 5.36 -2.53 -7.76
CA THR B 265 5.25 -1.40 -6.83
C THR B 265 6.63 -0.85 -6.53
N THR B 266 6.92 0.36 -7.00
CA THR B 266 8.18 0.98 -6.66
C THR B 266 7.97 2.49 -6.66
N GLY B 267 8.73 3.17 -5.81
CA GLY B 267 8.59 4.60 -5.61
C GLY B 267 7.31 4.99 -4.91
N SER B 268 6.64 4.06 -4.26
CA SER B 268 5.35 4.36 -3.62
C SER B 268 5.51 4.56 -2.13
N ASP B 269 4.51 5.22 -1.54
CA ASP B 269 4.51 5.57 -0.14
C ASP B 269 3.24 4.96 0.45
N VAL B 270 3.39 3.89 1.22
CA VAL B 270 2.26 3.19 1.81
C VAL B 270 1.99 3.78 3.19
N VAL B 271 0.90 4.54 3.30
CA VAL B 271 0.54 5.24 4.53
C VAL B 271 -0.33 4.36 5.39
N ILE B 272 0.05 4.20 6.65
CA ILE B 272 -0.70 3.38 7.61
C ILE B 272 -0.92 4.25 8.84
N ASP B 273 -2.03 4.99 8.85
CA ASP B 273 -2.17 6.07 9.82
C ASP B 273 -3.59 6.27 10.33
N GLY B 274 -4.50 5.33 10.13
CA GLY B 274 -5.85 5.52 10.61
C GLY B 274 -6.56 6.67 9.94
N GLY B 275 -6.08 7.09 8.76
CA GLY B 275 -6.65 8.23 8.08
C GLY B 275 -6.09 9.56 8.48
N TYR B 276 -5.04 9.60 9.31
CA TYR B 276 -4.63 10.86 9.90
C TYR B 276 -4.32 11.93 8.84
N THR B 277 -3.71 11.53 7.72
CA THR B 277 -3.33 12.54 6.75
C THR B 277 -4.48 13.00 5.85
N CYS B 278 -5.72 12.53 6.08
CA CYS B 278 -6.84 12.85 5.21
C CYS B 278 -7.55 14.16 5.55
N PRO B 279 -7.92 14.42 6.82
CA PRO B 279 -8.43 15.76 7.15
C PRO B 279 -7.32 16.82 7.10
#